data_1O9S
#
_entry.id   1O9S
#
_cell.length_a   52.690
_cell.length_b   75.438
_cell.length_c   69.099
_cell.angle_alpha   90.00
_cell.angle_beta   94.16
_cell.angle_gamma   90.00
#
_symmetry.space_group_name_H-M   'P 1 21 1'
#
loop_
_entity.id
_entity.type
_entity.pdbx_description
1 polymer 'HISTONE-LYSINE N-METHYLTRANSFERASE, H3 LYSINE-4 SPECIFIC'
2 polymer 'GENE FRAGMENT FOR HISTONE H3'
3 non-polymer S-ADENOSYL-L-HOMOCYSTEINE
4 water water
#
loop_
_entity_poly.entity_id
_entity_poly.type
_entity_poly.pdbx_seq_one_letter_code
_entity_poly.pdbx_strand_id
1 'polypeptide(L)'
;GQYKDNIRHGVCWIYYPDGGSLVGEVNEDGEMTGEKIAYVYPDERTALYGKFIDGEMIEGKLATLMSTEEGRPHFELMPG
NSVYHFDKSTSSCISTNALLPDPYESERVYVAESLISSAGEGLFSKVAVGPNTVMSFYNGVRITHQEVDSRDWALNGNTL
SLDEETVIDVPEPYNHVSKYCASLGHKANHSFTPNCIYDMFVHPRFGPIKCIRTLRAVEADEELTVAYGYDHSPPGKSGP
EAPEWYQVELKAFQATQQK
;
A,B
2 'polypeptide(L)' ART(MLZ)QTARKY K,L
#
loop_
_chem_comp.id
_chem_comp.type
_chem_comp.name
_chem_comp.formula
SAH non-polymer S-ADENOSYL-L-HOMOCYSTEINE 'C14 H20 N6 O5 S'
#
# COMPACT_ATOMS: atom_id res chain seq x y z
N GLY A 10 31.66 7.83 13.71
CA GLY A 10 30.34 7.83 13.01
C GLY A 10 29.82 6.55 12.39
N VAL A 11 30.63 5.50 12.33
CA VAL A 11 30.21 4.20 11.84
C VAL A 11 28.85 3.71 12.34
N CYS A 12 27.99 3.40 11.37
CA CYS A 12 26.66 2.86 11.64
C CYS A 12 26.50 1.50 10.94
N TRP A 13 26.02 0.52 11.68
CA TRP A 13 25.74 -0.80 11.14
C TRP A 13 24.22 -0.98 11.08
N ILE A 14 23.71 -1.31 9.90
CA ILE A 14 22.28 -1.58 9.74
C ILE A 14 22.11 -3.04 9.34
N TYR A 15 21.61 -3.86 10.26
CA TYR A 15 21.38 -5.26 9.97
C TYR A 15 19.97 -5.50 9.50
N TYR A 16 19.84 -6.16 8.36
CA TYR A 16 18.52 -6.54 7.87
C TYR A 16 18.11 -7.82 8.58
N PRO A 17 16.82 -8.07 8.64
CA PRO A 17 16.31 -9.29 9.29
C PRO A 17 16.89 -10.58 8.69
N ASP A 18 17.33 -10.55 7.45
CA ASP A 18 17.90 -11.71 6.78
C ASP A 18 19.36 -11.96 7.15
N GLY A 19 19.99 -11.03 7.86
CA GLY A 19 21.35 -11.25 8.32
C GLY A 19 22.38 -10.42 7.58
N GLY A 20 22.01 -9.88 6.43
CA GLY A 20 22.89 -9.00 5.69
C GLY A 20 22.94 -7.64 6.40
N SER A 21 23.87 -6.79 5.99
CA SER A 21 24.00 -5.49 6.64
C SER A 21 24.60 -4.42 5.74
N LEU A 22 24.33 -3.17 6.11
CA LEU A 22 24.93 -2.00 5.50
C LEU A 22 25.81 -1.39 6.58
N VAL A 23 27.04 -1.02 6.22
CA VAL A 23 27.98 -0.47 7.19
C VAL A 23 28.84 0.64 6.63
N GLY A 24 29.04 1.68 7.42
CA GLY A 24 29.87 2.79 7.00
C GLY A 24 29.64 4.02 7.83
N GLU A 25 30.57 4.97 7.70
CA GLU A 25 30.45 6.25 8.34
C GLU A 25 29.22 6.94 7.78
N VAL A 26 28.40 7.53 8.63
CA VAL A 26 27.26 8.33 8.15
C VAL A 26 27.68 9.78 7.84
N ASN A 27 26.89 10.46 6.99
CA ASN A 27 27.16 11.85 6.61
C ASN A 27 26.85 12.78 7.79
N GLU A 28 27.13 14.07 7.64
CA GLU A 28 26.82 15.04 8.69
C GLU A 28 25.31 14.98 9.03
N ASP A 29 24.53 14.37 8.14
CA ASP A 29 23.07 14.25 8.30
C ASP A 29 22.62 12.84 8.69
N GLY A 30 23.55 11.97 9.07
CA GLY A 30 23.22 10.61 9.46
C GLY A 30 22.79 9.69 8.32
N GLU A 31 23.12 10.03 7.08
CA GLU A 31 22.78 9.18 5.94
C GLU A 31 23.98 8.31 5.53
N MET A 32 23.70 7.12 4.99
CA MET A 32 24.74 6.23 4.50
C MET A 32 25.25 6.65 3.14
N THR A 33 26.00 7.75 3.12
CA THR A 33 26.53 8.32 1.90
C THR A 33 28.03 8.54 2.05
N GLY A 34 28.81 7.96 1.15
CA GLY A 34 30.26 8.11 1.19
C GLY A 34 30.90 7.14 0.22
N GLU A 35 32.23 7.17 0.15
CA GLU A 35 32.99 6.32 -0.79
C GLU A 35 33.51 5.05 -0.16
N LYS A 36 33.31 4.91 1.15
CA LYS A 36 33.81 3.77 1.88
C LYS A 36 32.69 3.09 2.63
N ILE A 37 31.56 2.90 1.98
CA ILE A 37 30.41 2.23 2.59
C ILE A 37 30.35 0.81 2.06
N ALA A 38 29.72 -0.11 2.81
CA ALA A 38 29.68 -1.48 2.35
C ALA A 38 28.38 -2.21 2.66
N TYR A 39 28.03 -3.13 1.77
CA TYR A 39 26.98 -4.07 2.07
C TYR A 39 27.71 -5.36 2.44
N VAL A 40 27.30 -6.00 3.52
CA VAL A 40 27.92 -7.24 3.92
C VAL A 40 26.86 -8.33 3.87
N TYR A 41 27.17 -9.42 3.17
CA TYR A 41 26.27 -10.56 3.07
C TYR A 41 26.07 -11.22 4.45
N PRO A 42 25.09 -12.10 4.60
CA PRO A 42 24.81 -12.76 5.88
C PRO A 42 25.92 -13.65 6.41
N ASP A 43 26.95 -13.92 5.63
CA ASP A 43 28.08 -14.70 6.15
C ASP A 43 29.00 -13.82 7.01
N GLU A 44 28.72 -12.51 7.03
CA GLU A 44 29.51 -11.52 7.76
C GLU A 44 30.95 -11.53 7.28
N ARG A 45 31.14 -11.76 5.98
CA ARG A 45 32.47 -11.89 5.41
C ARG A 45 32.55 -11.31 4.01
N THR A 46 31.65 -11.75 3.14
CA THR A 46 31.60 -11.25 1.78
C THR A 46 30.94 -9.88 1.79
N ALA A 47 31.59 -8.92 1.15
CA ALA A 47 31.12 -7.55 1.15
C ALA A 47 31.24 -6.90 -0.22
N LEU A 48 30.44 -5.86 -0.40
CA LEU A 48 30.44 -5.02 -1.60
C LEU A 48 30.78 -3.63 -1.08
N TYR A 49 32.01 -3.18 -1.30
CA TYR A 49 32.58 -1.98 -0.70
C TYR A 49 32.85 -0.88 -1.72
N GLY A 50 32.39 0.34 -1.42
CA GLY A 50 32.60 1.45 -2.32
C GLY A 50 31.62 2.58 -2.11
N LYS A 51 31.14 3.12 -3.23
CA LYS A 51 30.28 4.30 -3.25
C LYS A 51 28.81 3.95 -3.03
N PHE A 52 28.20 4.56 -2.02
CA PHE A 52 26.78 4.42 -1.74
C PHE A 52 26.21 5.81 -1.54
N ILE A 53 24.94 5.99 -1.88
CA ILE A 53 24.25 7.25 -1.62
C ILE A 53 22.94 6.92 -0.91
N ASP A 54 22.79 7.38 0.33
CA ASP A 54 21.61 7.11 1.13
C ASP A 54 21.28 5.62 1.21
N GLY A 55 22.30 4.78 1.37
CA GLY A 55 22.12 3.33 1.50
C GLY A 55 22.05 2.58 0.19
N GLU A 56 22.03 3.30 -0.92
CA GLU A 56 21.92 2.71 -2.24
C GLU A 56 23.30 2.50 -2.83
N MET A 57 23.55 1.29 -3.33
CA MET A 57 24.85 0.93 -3.89
C MET A 57 25.07 1.53 -5.28
N ILE A 58 26.04 2.43 -5.37
CA ILE A 58 26.38 3.04 -6.65
C ILE A 58 27.52 2.27 -7.34
N GLU A 59 28.60 2.00 -6.58
CA GLU A 59 29.72 1.20 -7.07
C GLU A 59 30.31 0.40 -5.93
N GLY A 60 29.91 -0.85 -5.80
CA GLY A 60 30.44 -1.70 -4.76
C GLY A 60 31.37 -2.75 -5.35
N LYS A 61 32.61 -2.80 -4.84
CA LYS A 61 33.62 -3.74 -5.34
C LYS A 61 33.67 -4.90 -4.37
N LEU A 62 33.91 -6.10 -4.90
CA LEU A 62 33.98 -7.29 -4.10
C LEU A 62 35.08 -7.15 -3.04
N ALA A 63 34.74 -7.46 -1.79
CA ALA A 63 35.68 -7.30 -0.69
C ALA A 63 35.44 -8.39 0.34
N THR A 64 36.34 -8.48 1.31
CA THR A 64 36.18 -9.40 2.44
C THR A 64 36.25 -8.57 3.71
N LEU A 65 35.26 -8.72 4.58
CA LEU A 65 35.29 -8.07 5.88
C LEU A 65 36.27 -8.90 6.73
N MET A 66 37.38 -8.32 7.13
CA MET A 66 38.40 -9.06 7.88
C MET A 66 38.25 -8.98 9.39
N SER A 67 38.12 -7.75 9.89
CA SER A 67 38.01 -7.52 11.32
C SER A 67 37.24 -6.23 11.52
N THR A 68 36.90 -5.95 12.77
CA THR A 68 36.26 -4.71 13.15
C THR A 68 37.00 -4.20 14.38
N GLU A 69 37.20 -2.89 14.44
CA GLU A 69 37.88 -2.26 15.56
C GLU A 69 36.99 -1.15 16.11
N GLU A 70 36.45 -1.35 17.32
CA GLU A 70 35.58 -0.36 17.94
C GLU A 70 34.47 0.09 16.97
N GLY A 71 33.81 -0.90 16.34
CA GLY A 71 32.72 -0.64 15.43
C GLY A 71 33.15 -0.40 13.97
N ARG A 72 34.42 -0.08 13.78
CA ARG A 72 34.94 0.23 12.45
C ARG A 72 35.44 -1.03 11.74
N PRO A 73 34.90 -1.32 10.57
CA PRO A 73 35.28 -2.52 9.83
C PRO A 73 36.51 -2.31 8.98
N HIS A 74 37.21 -3.40 8.70
CA HIS A 74 38.40 -3.35 7.88
C HIS A 74 38.23 -4.37 6.77
N PHE A 75 38.30 -3.87 5.54
CA PHE A 75 38.06 -4.70 4.36
C PHE A 75 39.32 -4.93 3.57
N GLU A 76 39.38 -6.08 2.90
CA GLU A 76 40.42 -6.31 1.92
C GLU A 76 39.67 -6.28 0.59
N LEU A 77 40.16 -5.50 -0.38
CA LEU A 77 39.54 -5.45 -1.71
C LEU A 77 40.00 -6.67 -2.49
N MET A 78 39.07 -7.41 -3.08
CA MET A 78 39.42 -8.62 -3.79
C MET A 78 39.82 -8.28 -5.22
N PRO A 79 40.59 -9.16 -5.86
CA PRO A 79 41.02 -8.93 -7.24
C PRO A 79 39.86 -9.07 -8.21
N GLY A 80 40.07 -8.60 -9.44
CA GLY A 80 39.02 -8.62 -10.44
C GLY A 80 38.57 -7.19 -10.67
N ASN A 81 37.70 -6.98 -11.64
CA ASN A 81 37.22 -5.62 -11.94
C ASN A 81 35.69 -5.52 -11.96
N SER A 82 35.02 -6.58 -11.54
CA SER A 82 33.56 -6.59 -11.52
C SER A 82 33.03 -5.63 -10.47
N VAL A 83 32.22 -4.68 -10.91
CA VAL A 83 31.59 -3.76 -9.98
C VAL A 83 30.14 -4.20 -9.87
N TYR A 84 29.48 -3.82 -8.77
CA TYR A 84 28.04 -4.03 -8.66
C TYR A 84 27.37 -2.72 -8.29
N HIS A 85 26.11 -2.58 -8.70
CA HIS A 85 25.30 -1.41 -8.36
C HIS A 85 23.84 -1.79 -8.20
N PHE A 86 23.10 -0.95 -7.49
CA PHE A 86 21.66 -1.11 -7.37
C PHE A 86 21.12 -1.17 -8.79
N ASP A 87 20.46 -2.29 -9.13
CA ASP A 87 20.01 -2.52 -10.49
C ASP A 87 18.68 -3.28 -10.45
N LYS A 88 17.65 -2.63 -9.92
CA LYS A 88 16.32 -3.23 -9.81
C LYS A 88 15.78 -3.61 -11.19
N SER A 89 15.17 -4.78 -11.31
CA SER A 89 14.60 -5.22 -12.60
C SER A 89 13.46 -4.31 -13.12
N THR A 90 13.24 -4.34 -14.45
CA THR A 90 12.18 -3.58 -15.15
C THR A 90 11.40 -4.53 -16.07
N SER A 91 10.43 -4.04 -16.83
CA SER A 91 9.63 -4.93 -17.68
C SER A 91 10.38 -5.18 -18.97
N SER A 92 11.24 -4.24 -19.29
CA SER A 92 12.07 -4.34 -20.48
C SER A 92 13.48 -4.81 -20.08
N CYS A 93 13.68 -5.11 -18.80
CA CYS A 93 15.02 -5.46 -18.33
C CYS A 93 15.05 -6.18 -16.99
N ILE A 94 15.38 -7.47 -17.00
CA ILE A 94 15.54 -8.23 -15.77
C ILE A 94 16.80 -7.75 -15.04
N SER A 95 17.84 -7.39 -15.81
CA SER A 95 19.12 -6.96 -15.27
C SER A 95 19.95 -6.29 -16.37
N THR A 96 20.70 -5.24 -16.01
CA THR A 96 21.59 -4.57 -16.94
C THR A 96 22.75 -5.48 -17.31
N ASN A 97 23.12 -6.37 -16.38
CA ASN A 97 24.22 -7.29 -16.59
C ASN A 97 23.74 -8.69 -16.21
N ALA A 98 22.87 -9.27 -17.05
CA ALA A 98 22.25 -10.58 -16.78
C ALA A 98 23.23 -11.73 -16.60
N LEU A 99 24.45 -11.58 -17.10
CA LEU A 99 25.45 -12.66 -17.04
C LEU A 99 26.52 -12.40 -15.99
N LEU A 100 26.32 -11.35 -15.19
CA LEU A 100 27.22 -11.04 -14.10
C LEU A 100 26.67 -11.73 -12.86
N PRO A 101 27.28 -12.83 -12.43
CA PRO A 101 26.73 -13.57 -11.29
C PRO A 101 26.84 -12.86 -9.96
N ASP A 102 26.07 -13.31 -8.98
CA ASP A 102 26.19 -12.81 -7.63
C ASP A 102 27.35 -13.57 -6.96
N PRO A 103 28.28 -12.85 -6.36
CA PRO A 103 29.50 -13.44 -5.81
C PRO A 103 29.30 -14.31 -4.59
N TYR A 104 28.29 -14.01 -3.76
CA TYR A 104 28.01 -14.76 -2.55
C TYR A 104 27.38 -16.07 -2.99
N GLU A 105 26.44 -15.96 -3.92
CA GLU A 105 25.75 -17.12 -4.45
C GLU A 105 26.73 -18.04 -5.19
N SER A 106 27.62 -17.42 -5.96
CA SER A 106 28.64 -18.12 -6.74
C SER A 106 29.49 -19.06 -5.89
N GLU A 107 29.73 -18.69 -4.64
CA GLU A 107 30.52 -19.52 -3.72
C GLU A 107 29.73 -20.69 -3.15
N ARG A 108 28.41 -20.59 -3.16
CA ARG A 108 27.57 -21.57 -2.46
C ARG A 108 26.73 -22.48 -3.36
N VAL A 109 26.45 -22.10 -4.61
CA VAL A 109 25.62 -22.98 -5.44
C VAL A 109 26.05 -23.11 -6.90
N TYR A 110 25.60 -24.20 -7.52
CA TYR A 110 25.81 -24.41 -8.95
C TYR A 110 24.61 -25.10 -9.59
N VAL A 111 24.45 -24.89 -10.89
CA VAL A 111 23.36 -25.50 -11.65
C VAL A 111 23.88 -26.74 -12.35
N ALA A 112 23.11 -27.83 -12.28
CA ALA A 112 23.47 -29.07 -12.92
C ALA A 112 22.17 -29.85 -13.16
N GLU A 113 22.26 -30.99 -13.80
CA GLU A 113 21.09 -31.83 -14.02
C GLU A 113 20.50 -32.25 -12.67
N SER A 114 19.19 -32.11 -12.52
CA SER A 114 18.53 -32.52 -11.28
C SER A 114 18.59 -34.03 -11.04
N LEU A 115 18.62 -34.41 -9.76
CA LEU A 115 18.58 -35.81 -9.36
C LEU A 115 17.13 -36.29 -9.36
N ILE A 116 16.20 -35.35 -9.42
CA ILE A 116 14.78 -35.68 -9.47
C ILE A 116 14.44 -36.10 -10.89
N SER A 117 13.78 -37.23 -11.04
CA SER A 117 13.44 -37.78 -12.35
C SER A 117 12.73 -36.80 -13.30
N SER A 118 13.34 -36.54 -14.45
CA SER A 118 12.73 -35.71 -15.51
C SER A 118 12.48 -34.26 -15.12
N ALA A 119 13.06 -33.83 -14.01
CA ALA A 119 12.84 -32.50 -13.46
C ALA A 119 13.65 -31.38 -14.12
N GLY A 120 14.49 -31.73 -15.09
CA GLY A 120 15.31 -30.78 -15.80
C GLY A 120 16.57 -30.43 -15.02
N GLU A 121 16.94 -29.16 -15.02
CA GLU A 121 18.09 -28.70 -14.28
C GLU A 121 17.67 -28.48 -12.84
N GLY A 122 18.64 -28.53 -11.92
CA GLY A 122 18.39 -28.26 -10.52
C GLY A 122 19.51 -27.37 -9.96
N LEU A 123 19.37 -27.01 -8.69
CA LEU A 123 20.33 -26.17 -8.00
C LEU A 123 21.05 -27.00 -6.93
N PHE A 124 22.37 -26.94 -6.89
CA PHE A 124 23.15 -27.75 -5.96
C PHE A 124 24.09 -26.95 -5.08
N SER A 125 24.33 -27.45 -3.88
CA SER A 125 25.27 -26.80 -3.00
C SER A 125 26.68 -27.10 -3.43
N LYS A 126 27.54 -26.08 -3.38
CA LYS A 126 28.95 -26.25 -3.67
C LYS A 126 29.72 -26.65 -2.42
N VAL A 127 29.14 -26.35 -1.26
CA VAL A 127 29.84 -26.47 0.01
C VAL A 127 28.92 -26.98 1.11
N ALA A 128 29.52 -27.47 2.20
CA ALA A 128 28.76 -27.90 3.36
C ALA A 128 28.32 -26.68 4.15
N VAL A 129 27.04 -26.60 4.50
CA VAL A 129 26.52 -25.52 5.32
C VAL A 129 25.62 -26.05 6.43
N GLY A 130 25.39 -25.22 7.43
CA GLY A 130 24.46 -25.56 8.49
C GLY A 130 23.07 -25.05 8.16
N PRO A 131 22.14 -25.26 9.09
CA PRO A 131 20.78 -24.78 8.94
C PRO A 131 20.74 -23.26 8.95
N ASN A 132 19.67 -22.66 8.44
CA ASN A 132 19.47 -21.22 8.50
C ASN A 132 20.45 -20.46 7.61
N THR A 133 21.03 -21.12 6.60
CA THR A 133 22.02 -20.48 5.74
C THR A 133 21.44 -19.99 4.41
N VAL A 134 21.61 -18.71 4.12
CA VAL A 134 21.17 -18.20 2.83
C VAL A 134 22.10 -18.76 1.75
N MET A 135 21.53 -19.29 0.68
CA MET A 135 22.33 -19.93 -0.37
C MET A 135 22.20 -19.31 -1.75
N SER A 136 21.03 -18.80 -2.06
CA SER A 136 20.73 -18.32 -3.41
C SER A 136 19.69 -17.21 -3.36
N PHE A 137 19.63 -16.43 -4.43
CA PHE A 137 18.71 -15.31 -4.51
C PHE A 137 17.69 -15.54 -5.62
N TYR A 138 16.47 -15.09 -5.38
CA TYR A 138 15.38 -15.26 -6.33
C TYR A 138 14.99 -13.88 -6.85
N ASN A 139 15.80 -13.34 -7.74
CA ASN A 139 15.50 -12.08 -8.41
C ASN A 139 14.67 -12.39 -9.66
N GLY A 140 14.01 -11.38 -10.20
CA GLY A 140 13.23 -11.54 -11.41
C GLY A 140 12.47 -10.26 -11.71
N VAL A 141 11.65 -10.30 -12.76
CA VAL A 141 10.81 -9.18 -13.12
C VAL A 141 9.63 -9.16 -12.17
N ARG A 142 9.08 -7.98 -11.92
CA ARG A 142 7.96 -7.86 -11.01
C ARG A 142 6.66 -7.71 -11.79
N ILE A 143 5.67 -8.53 -11.46
CA ILE A 143 4.38 -8.49 -12.14
C ILE A 143 3.24 -8.68 -11.13
N THR A 144 2.01 -8.65 -11.61
CA THR A 144 0.86 -8.82 -10.72
C THR A 144 0.34 -10.25 -10.67
N HIS A 145 -0.35 -10.57 -9.58
CA HIS A 145 -0.98 -11.86 -9.39
C HIS A 145 -2.07 -12.06 -10.45
N GLN A 146 -2.69 -10.98 -10.90
CA GLN A 146 -3.77 -11.08 -11.87
C GLN A 146 -3.31 -11.58 -13.22
N GLU A 147 -2.25 -10.95 -13.71
CA GLU A 147 -1.66 -11.32 -14.99
C GLU A 147 -1.27 -12.80 -14.95
N VAL A 148 -0.70 -13.22 -13.83
CA VAL A 148 -0.26 -14.59 -13.64
C VAL A 148 -1.46 -15.56 -13.64
N ASP A 149 -2.51 -15.23 -12.88
CA ASP A 149 -3.72 -16.06 -12.81
C ASP A 149 -4.49 -16.10 -14.13
N SER A 150 -4.23 -15.12 -14.99
CA SER A 150 -4.93 -15.03 -16.27
C SER A 150 -4.15 -15.67 -17.42
N ARG A 151 -3.02 -16.31 -17.11
CA ARG A 151 -2.23 -16.92 -18.17
C ARG A 151 -1.96 -18.40 -17.93
N ASP A 152 -1.59 -19.09 -19.00
CA ASP A 152 -1.31 -20.52 -19.02
C ASP A 152 -0.17 -20.92 -18.08
N TRP A 153 -0.25 -22.12 -17.52
CA TRP A 153 0.79 -22.58 -16.60
C TRP A 153 2.14 -22.66 -17.29
N ALA A 154 2.14 -22.84 -18.61
CA ALA A 154 3.37 -22.94 -19.35
C ALA A 154 4.20 -21.67 -19.12
N LEU A 155 3.54 -20.58 -18.71
CA LEU A 155 4.22 -19.32 -18.42
C LEU A 155 4.47 -19.07 -16.93
N ASN A 156 3.96 -19.96 -16.06
CA ASN A 156 4.00 -19.76 -14.61
C ASN A 156 4.87 -20.76 -13.83
N GLY A 157 5.88 -21.32 -14.48
CA GLY A 157 6.80 -22.22 -13.79
C GLY A 157 7.69 -21.54 -12.76
N ASN A 158 8.03 -20.27 -13.00
CA ASN A 158 8.95 -19.54 -12.14
C ASN A 158 8.36 -18.38 -11.34
N THR A 159 7.04 -18.25 -11.36
CA THR A 159 6.40 -17.18 -10.61
C THR A 159 6.45 -17.50 -9.12
N LEU A 160 6.85 -16.51 -8.32
CA LEU A 160 6.96 -16.63 -6.89
C LEU A 160 6.32 -15.40 -6.26
N SER A 161 5.42 -15.62 -5.32
CA SER A 161 4.73 -14.50 -4.68
C SER A 161 5.73 -13.81 -3.74
N LEU A 162 5.93 -12.52 -3.96
CA LEU A 162 6.85 -11.72 -3.17
C LEU A 162 6.13 -11.15 -1.95
N ASP A 163 5.06 -10.42 -2.23
CA ASP A 163 4.23 -9.81 -1.20
C ASP A 163 2.80 -9.91 -1.73
N GLU A 164 1.86 -9.30 -1.04
CA GLU A 164 0.46 -9.36 -1.44
C GLU A 164 0.22 -8.79 -2.83
N GLU A 165 1.03 -7.79 -3.20
CA GLU A 165 0.86 -7.06 -4.45
C GLU A 165 1.79 -7.48 -5.58
N THR A 166 2.87 -8.18 -5.26
CA THR A 166 3.87 -8.48 -6.28
C THR A 166 4.28 -9.93 -6.42
N VAL A 167 4.47 -10.33 -7.68
CA VAL A 167 4.97 -11.64 -8.05
C VAL A 167 6.29 -11.43 -8.77
N ILE A 168 7.30 -12.21 -8.37
CA ILE A 168 8.60 -12.18 -9.01
C ILE A 168 8.60 -13.32 -10.03
N ASP A 169 9.09 -13.05 -11.24
CA ASP A 169 9.10 -14.05 -12.29
C ASP A 169 10.42 -14.05 -13.07
N VAL A 170 10.81 -15.23 -13.57
CA VAL A 170 11.98 -15.35 -14.42
C VAL A 170 11.49 -15.92 -15.76
N PRO A 171 10.93 -15.05 -16.58
CA PRO A 171 10.37 -15.43 -17.88
C PRO A 171 11.39 -15.88 -18.91
N GLU A 172 10.94 -16.62 -19.93
CA GLU A 172 11.79 -17.01 -21.04
C GLU A 172 12.52 -15.73 -21.45
N PRO A 173 13.76 -15.65 -21.92
CA PRO A 173 14.86 -16.61 -22.11
C PRO A 173 15.64 -16.79 -20.82
N TYR A 174 15.47 -15.82 -19.93
CA TYR A 174 16.16 -15.73 -18.64
C TYR A 174 16.09 -16.95 -17.72
N ASN A 175 15.23 -17.92 -18.02
CA ASN A 175 15.18 -19.15 -17.22
C ASN A 175 16.32 -20.07 -17.64
N HIS A 176 17.12 -19.62 -18.61
CA HIS A 176 18.29 -20.35 -19.09
C HIS A 176 19.54 -19.60 -18.64
N VAL A 177 20.50 -20.33 -18.08
CA VAL A 177 21.74 -19.75 -17.56
C VAL A 177 22.57 -19.09 -18.66
N SER A 178 22.36 -19.51 -19.90
CA SER A 178 23.06 -18.92 -21.03
C SER A 178 22.63 -17.47 -21.24
N LYS A 179 21.47 -17.10 -20.70
CA LYS A 179 20.92 -15.74 -20.86
C LYS A 179 20.85 -14.93 -19.57
N TYR A 180 20.78 -15.61 -18.43
CA TYR A 180 20.66 -14.96 -17.13
C TYR A 180 21.24 -15.81 -16.02
N CYS A 181 22.24 -15.27 -15.31
CA CYS A 181 22.84 -16.00 -14.21
C CYS A 181 23.18 -15.07 -13.03
N ALA A 182 22.59 -13.88 -13.04
CA ALA A 182 22.77 -12.92 -11.94
C ALA A 182 22.24 -13.47 -10.62
N SER A 183 21.21 -14.32 -10.69
CA SER A 183 20.66 -14.98 -9.52
C SER A 183 20.24 -16.36 -10.00
N LEU A 184 20.14 -17.33 -9.10
CA LEU A 184 19.87 -18.69 -9.51
C LEU A 184 18.75 -19.37 -8.75
N GLY A 185 18.04 -18.62 -7.92
CA GLY A 185 16.97 -19.18 -7.08
C GLY A 185 15.89 -19.94 -7.82
N HIS A 186 15.60 -19.52 -9.04
CA HIS A 186 14.54 -20.11 -9.84
C HIS A 186 14.91 -21.50 -10.39
N LYS A 187 16.13 -21.96 -10.13
CA LYS A 187 16.59 -23.26 -10.61
C LYS A 187 16.37 -24.36 -9.58
N ALA A 188 15.97 -23.98 -8.37
CA ALA A 188 15.77 -24.99 -7.32
C ALA A 188 14.43 -25.70 -7.54
N ASN A 189 14.47 -27.03 -7.60
CA ASN A 189 13.27 -27.84 -7.82
C ASN A 189 12.43 -28.06 -6.57
N HIS A 190 11.23 -28.58 -6.78
CA HIS A 190 10.29 -28.79 -5.70
C HIS A 190 10.46 -30.11 -4.96
N SER A 191 10.16 -30.10 -3.66
CA SER A 191 10.10 -31.33 -2.88
C SER A 191 9.14 -31.08 -1.72
N PHE A 192 8.41 -32.12 -1.33
CA PHE A 192 7.51 -32.05 -0.17
C PHE A 192 8.31 -32.32 1.11
N THR A 193 9.56 -32.74 0.96
CA THR A 193 10.49 -32.88 2.08
C THR A 193 11.75 -32.07 1.77
N PRO A 194 11.59 -30.76 1.60
CA PRO A 194 12.68 -29.89 1.15
C PRO A 194 13.75 -29.65 2.18
N ASN A 195 14.94 -29.29 1.71
CA ASN A 195 16.03 -28.91 2.59
C ASN A 195 16.16 -27.39 2.69
N CYS A 196 15.32 -26.67 1.95
CA CYS A 196 15.36 -25.20 1.94
C CYS A 196 13.95 -24.61 1.95
N ILE A 197 13.89 -23.31 2.24
CA ILE A 197 12.65 -22.54 2.19
C ILE A 197 12.90 -21.25 1.41
N TYR A 198 11.84 -20.68 0.85
CA TYR A 198 11.93 -19.34 0.29
C TYR A 198 11.75 -18.36 1.46
N ASP A 199 12.62 -17.38 1.60
CA ASP A 199 12.58 -16.42 2.69
C ASP A 199 12.81 -15.03 2.11
N MET A 200 12.39 -14.00 2.86
CA MET A 200 12.57 -12.61 2.43
C MET A 200 14.04 -12.24 2.40
N PHE A 201 14.40 -11.31 1.53
CA PHE A 201 15.77 -10.87 1.49
C PHE A 201 15.83 -9.49 0.91
N VAL A 202 16.66 -8.64 1.50
CA VAL A 202 16.89 -7.30 0.94
C VAL A 202 18.27 -7.29 0.29
N HIS A 203 18.31 -7.25 -1.04
CA HIS A 203 19.55 -7.34 -1.79
C HIS A 203 20.00 -5.98 -2.31
N PRO A 204 21.29 -5.66 -2.17
CA PRO A 204 21.80 -4.34 -2.56
C PRO A 204 21.81 -4.12 -4.07
N ARG A 205 21.74 -5.19 -4.85
CA ARG A 205 21.69 -5.08 -6.29
C ARG A 205 20.27 -5.26 -6.83
N PHE A 206 19.56 -6.26 -6.30
CA PHE A 206 18.22 -6.61 -6.78
C PHE A 206 17.07 -5.94 -6.05
N GLY A 207 17.31 -5.42 -4.85
CA GLY A 207 16.25 -4.81 -4.06
C GLY A 207 15.56 -5.86 -3.22
N PRO A 208 14.34 -5.57 -2.75
CA PRO A 208 13.60 -6.54 -1.94
C PRO A 208 13.13 -7.71 -2.80
N ILE A 209 13.62 -8.92 -2.50
CA ILE A 209 13.29 -10.11 -3.25
C ILE A 209 13.09 -11.24 -2.27
N LYS A 210 13.25 -12.48 -2.73
CA LYS A 210 13.24 -13.63 -1.82
C LYS A 210 14.57 -14.35 -2.02
N CYS A 211 14.92 -15.20 -1.07
CA CYS A 211 16.15 -15.99 -1.15
C CYS A 211 15.84 -17.45 -0.86
N ILE A 212 16.84 -18.30 -1.01
CA ILE A 212 16.72 -19.72 -0.66
C ILE A 212 17.58 -19.89 0.58
N ARG A 213 16.97 -20.34 1.67
CA ARG A 213 17.67 -20.52 2.94
C ARG A 213 17.49 -21.96 3.40
N THR A 214 18.58 -22.59 3.80
CA THR A 214 18.51 -23.99 4.26
C THR A 214 17.68 -24.10 5.54
N LEU A 215 17.01 -25.25 5.67
CA LEU A 215 16.19 -25.58 6.83
C LEU A 215 16.96 -26.53 7.75
N ARG A 216 17.99 -27.14 7.21
CA ARG A 216 18.77 -28.14 7.94
C ARG A 216 20.19 -28.08 7.42
N ALA A 217 21.08 -28.87 7.98
CA ALA A 217 22.44 -28.90 7.44
C ALA A 217 22.40 -29.54 6.05
N VAL A 218 23.25 -29.06 5.15
CA VAL A 218 23.28 -29.53 3.78
C VAL A 218 24.73 -29.82 3.42
N GLU A 219 24.99 -30.95 2.78
CA GLU A 219 26.35 -31.29 2.39
C GLU A 219 26.70 -30.77 1.01
N ALA A 220 28.01 -30.73 0.72
CA ALA A 220 28.49 -30.35 -0.61
C ALA A 220 27.88 -31.27 -1.66
N ASP A 221 27.49 -30.69 -2.79
CA ASP A 221 26.94 -31.44 -3.93
C ASP A 221 25.56 -32.06 -3.68
N GLU A 222 24.90 -31.61 -2.61
CA GLU A 222 23.53 -32.03 -2.33
C GLU A 222 22.59 -31.13 -3.15
N GLU A 223 21.50 -31.68 -3.69
CA GLU A 223 20.56 -30.84 -4.44
C GLU A 223 19.73 -30.02 -3.46
N LEU A 224 19.57 -28.73 -3.77
CA LEU A 224 18.74 -27.83 -2.98
C LEU A 224 17.32 -27.91 -3.47
N THR A 225 16.39 -28.16 -2.56
CA THR A 225 14.99 -28.23 -2.92
C THR A 225 14.16 -27.36 -2.00
N VAL A 226 13.00 -26.95 -2.48
CA VAL A 226 12.10 -26.09 -1.72
C VAL A 226 10.66 -26.51 -1.97
N ALA A 227 9.79 -26.29 -0.99
CA ALA A 227 8.37 -26.57 -1.17
C ALA A 227 7.79 -25.40 -1.96
N TYR A 228 7.29 -25.67 -3.15
CA TYR A 228 6.73 -24.59 -3.99
C TYR A 228 5.51 -23.94 -3.34
N GLY A 229 4.79 -24.70 -2.52
CA GLY A 229 3.65 -24.17 -1.78
C GLY A 229 2.50 -23.65 -2.58
N TYR A 230 2.03 -24.41 -3.56
CA TYR A 230 0.83 -24.04 -4.29
C TYR A 230 -0.36 -24.32 -3.38
N ASP A 231 -1.50 -23.73 -3.70
CA ASP A 231 -2.73 -23.91 -2.92
C ASP A 231 -3.34 -25.27 -3.23
N HIS A 232 -3.34 -26.15 -2.23
CA HIS A 232 -3.86 -27.50 -2.36
C HIS A 232 -5.37 -27.58 -2.22
N SER A 233 -5.98 -26.52 -1.70
CA SER A 233 -7.43 -26.53 -1.49
C SER A 233 -8.09 -25.16 -1.70
N PRO A 234 -8.12 -24.69 -2.94
CA PRO A 234 -8.76 -23.41 -3.24
C PRO A 234 -10.22 -23.40 -2.76
N PRO A 235 -10.76 -22.21 -2.49
CA PRO A 235 -12.08 -22.03 -1.88
C PRO A 235 -12.98 -22.53 -2.90
N GLY A 236 -12.43 -22.29 -4.08
CA GLY A 236 -12.99 -22.77 -5.27
C GLY A 236 -13.50 -24.06 -4.72
N LYS A 237 -14.08 -24.82 -5.59
CA LYS A 237 -14.70 -26.01 -5.16
C LYS A 237 -13.62 -27.08 -5.03
N SER A 238 -12.87 -27.02 -6.12
CA SER A 238 -12.06 -28.00 -6.80
C SER A 238 -10.65 -28.52 -6.74
N GLY A 239 -9.96 -28.59 -5.64
CA GLY A 239 -8.65 -29.21 -5.78
C GLY A 239 -7.55 -28.21 -6.07
N PRO A 240 -6.31 -28.67 -5.93
CA PRO A 240 -5.14 -27.80 -6.00
C PRO A 240 -4.94 -27.05 -7.30
N GLU A 241 -4.63 -25.76 -7.17
CA GLU A 241 -4.30 -24.96 -8.35
C GLU A 241 -2.79 -25.08 -8.48
N ALA A 242 -2.36 -26.00 -9.32
CA ALA A 242 -0.96 -26.31 -9.47
C ALA A 242 -0.73 -26.95 -10.81
N PRO A 243 0.52 -26.98 -11.25
CA PRO A 243 0.86 -27.62 -12.51
C PRO A 243 0.61 -29.12 -12.36
N GLU A 244 0.35 -29.80 -13.46
CA GLU A 244 0.01 -31.21 -13.43
C GLU A 244 1.11 -32.08 -12.83
N TRP A 245 2.37 -31.80 -13.16
CA TRP A 245 3.48 -32.60 -12.64
C TRP A 245 3.50 -32.57 -11.10
N TYR A 246 3.09 -31.44 -10.54
CA TYR A 246 3.08 -31.21 -9.10
C TYR A 246 1.91 -31.97 -8.48
N GLN A 247 0.77 -31.95 -9.16
CA GLN A 247 -0.39 -32.70 -8.70
C GLN A 247 -0.06 -34.20 -8.65
N VAL A 248 0.67 -34.68 -9.66
CA VAL A 248 1.07 -36.08 -9.72
C VAL A 248 1.99 -36.44 -8.54
N GLU A 249 2.98 -35.59 -8.29
CA GLU A 249 3.93 -35.80 -7.19
C GLU A 249 3.21 -35.74 -5.86
N LEU A 250 2.24 -34.85 -5.76
CA LEU A 250 1.43 -34.75 -4.54
C LEU A 250 0.72 -36.07 -4.24
N LYS A 251 0.14 -36.66 -5.28
CA LYS A 251 -0.57 -37.93 -5.18
C LYS A 251 0.39 -39.02 -4.72
N ALA A 252 1.54 -39.07 -5.39
CA ALA A 252 2.57 -40.07 -5.10
C ALA A 252 3.14 -39.89 -3.70
N PHE A 253 3.39 -38.64 -3.31
CA PHE A 253 3.93 -38.38 -1.98
C PHE A 253 2.94 -38.83 -0.90
N GLN A 254 1.68 -38.41 -1.05
CA GLN A 254 0.63 -38.75 -0.08
C GLN A 254 0.41 -40.26 0.02
N ALA A 255 0.78 -41.00 -1.02
CA ALA A 255 0.69 -42.46 -1.01
C ALA A 255 1.74 -43.06 -0.08
N THR A 256 2.77 -42.27 0.25
CA THR A 256 3.82 -42.70 1.18
C THR A 256 3.45 -42.27 2.58
N GLN A 257 2.38 -41.49 2.67
CA GLN A 257 1.87 -40.99 3.94
C GLN A 257 0.58 -41.73 4.36
N GLN A 258 -0.29 -42.03 3.39
CA GLN A 258 -1.65 -42.58 3.60
C GLN A 258 -2.55 -41.43 3.97
N LYS A 259 -3.51 -41.19 3.10
CA LYS A 259 -4.40 -40.05 3.23
C LYS A 259 -5.81 -40.56 3.48
N GLY B 10 -14.20 36.22 27.74
CA GLY B 10 -13.15 35.25 27.31
C GLY B 10 -13.58 33.99 26.64
N VAL B 11 -13.63 34.25 25.38
CA VAL B 11 -13.45 33.52 24.21
C VAL B 11 -12.36 32.52 24.32
N CYS B 12 -12.79 31.30 24.12
CA CYS B 12 -11.90 30.21 24.04
C CYS B 12 -11.99 29.87 22.55
N TRP B 13 -10.87 29.53 21.93
CA TRP B 13 -10.85 29.04 20.56
C TRP B 13 -10.50 27.57 20.71
N ILE B 14 -11.40 26.67 20.32
CA ILE B 14 -11.18 25.23 20.44
C ILE B 14 -11.10 24.61 19.05
N TYR B 15 -9.87 24.32 18.60
CA TYR B 15 -9.66 23.77 17.27
C TYR B 15 -9.78 22.25 17.29
N TYR B 16 -10.46 21.73 16.27
CA TYR B 16 -10.54 20.30 16.07
C TYR B 16 -9.26 19.95 15.32
N PRO B 17 -8.83 18.71 15.40
CA PRO B 17 -7.63 18.29 14.68
C PRO B 17 -7.74 18.59 13.18
N ASP B 18 -8.96 18.61 12.65
CA ASP B 18 -9.17 18.87 11.22
C ASP B 18 -8.95 20.33 10.81
N GLY B 19 -8.80 21.24 11.77
CA GLY B 19 -8.57 22.65 11.45
C GLY B 19 -9.75 23.56 11.68
N GLY B 20 -10.95 22.99 11.76
CA GLY B 20 -12.14 23.74 12.11
C GLY B 20 -12.06 24.04 13.61
N SER B 21 -12.92 24.93 14.09
CA SER B 21 -12.86 25.36 15.48
C SER B 21 -14.17 25.91 16.01
N LEU B 22 -14.28 25.91 17.34
CA LEU B 22 -15.40 26.51 18.05
C LEU B 22 -14.86 27.73 18.78
N VAL B 23 -15.50 28.88 18.60
CA VAL B 23 -15.02 30.11 19.21
C VAL B 23 -16.15 30.89 19.88
N GLY B 24 -15.89 31.38 21.08
CA GLY B 24 -16.87 32.17 21.80
C GLY B 24 -16.56 32.29 23.27
N GLU B 25 -17.30 33.15 23.94
CA GLU B 25 -17.16 33.36 25.38
C GLU B 25 -17.76 32.16 26.10
N VAL B 26 -16.99 31.57 27.00
CA VAL B 26 -17.46 30.40 27.74
C VAL B 26 -18.38 30.82 28.88
N ASN B 27 -19.42 30.03 29.13
CA ASN B 27 -20.37 30.33 30.20
C ASN B 27 -19.70 30.18 31.56
N GLU B 28 -20.36 30.66 32.61
CA GLU B 28 -19.75 30.68 33.95
C GLU B 28 -19.40 29.30 34.44
N ASP B 29 -19.72 28.29 33.65
CA ASP B 29 -19.36 26.93 33.99
C ASP B 29 -18.32 26.43 32.99
N GLY B 30 -17.80 27.34 32.17
CA GLY B 30 -16.83 26.99 31.15
C GLY B 30 -17.46 26.23 29.98
N GLU B 31 -18.71 26.52 29.67
CA GLU B 31 -19.42 25.86 28.57
C GLU B 31 -19.57 26.79 27.37
N MET B 32 -19.45 26.24 26.17
CA MET B 32 -19.64 27.00 24.94
C MET B 32 -21.14 27.19 24.73
N THR B 33 -21.74 28.06 25.53
CA THR B 33 -23.17 28.33 25.47
C THR B 33 -23.41 29.82 25.40
N GLY B 34 -24.16 30.25 24.40
CA GLY B 34 -24.46 31.65 24.25
C GLY B 34 -25.06 31.95 22.87
N GLU B 35 -25.34 33.22 22.63
CA GLU B 35 -25.93 33.64 21.37
C GLU B 35 -24.90 34.19 20.39
N LYS B 36 -23.64 34.26 20.82
CA LYS B 36 -22.56 34.81 19.99
C LYS B 36 -21.39 33.82 19.87
N ILE B 37 -21.72 32.55 19.68
CA ILE B 37 -20.72 31.52 19.51
C ILE B 37 -20.61 31.19 18.02
N ALA B 38 -19.45 30.73 17.58
CA ALA B 38 -19.29 30.37 16.18
C ALA B 38 -18.51 29.08 15.97
N TYR B 39 -18.90 28.35 14.94
CA TYR B 39 -18.07 27.30 14.41
C TYR B 39 -17.35 27.95 13.24
N VAL B 40 -16.04 27.78 13.17
CA VAL B 40 -15.24 28.34 12.08
C VAL B 40 -14.67 27.22 11.24
N TYR B 41 -14.92 27.25 9.93
CA TYR B 41 -14.43 26.21 9.03
C TYR B 41 -12.89 26.26 8.98
N PRO B 42 -12.27 25.24 8.40
CA PRO B 42 -10.81 25.17 8.36
C PRO B 42 -10.10 26.28 7.60
N ASP B 43 -10.85 27.09 6.84
CA ASP B 43 -10.22 28.22 6.16
C ASP B 43 -9.99 29.40 7.11
N GLU B 44 -10.44 29.26 8.36
CA GLU B 44 -10.30 30.31 9.38
C GLU B 44 -11.00 31.60 8.96
N ARG B 45 -11.97 31.49 8.07
CA ARG B 45 -12.71 32.64 7.56
C ARG B 45 -14.21 32.41 7.55
N THR B 46 -14.63 31.29 6.96
CA THR B 46 -16.04 30.97 6.85
C THR B 46 -16.53 30.44 8.18
N ALA B 47 -17.66 30.95 8.65
CA ALA B 47 -18.18 30.56 9.96
C ALA B 47 -19.71 30.39 10.00
N LEU B 48 -20.15 29.68 11.01
CA LEU B 48 -21.57 29.54 11.31
C LEU B 48 -21.71 30.14 12.69
N TYR B 49 -22.29 31.34 12.74
CA TYR B 49 -22.37 32.14 13.95
C TYR B 49 -23.76 32.16 14.54
N GLY B 50 -23.87 32.03 15.86
CA GLY B 50 -25.17 32.13 16.51
C GLY B 50 -25.31 31.45 17.85
N LYS B 51 -26.45 30.78 18.02
CA LYS B 51 -26.78 30.12 19.26
C LYS B 51 -26.22 28.71 19.33
N PHE B 52 -25.43 28.47 20.37
CA PHE B 52 -24.86 27.14 20.62
C PHE B 52 -25.16 26.80 22.08
N ILE B 53 -25.28 25.51 22.37
CA ILE B 53 -25.47 25.05 23.74
C ILE B 53 -24.45 23.93 23.98
N ASP B 54 -23.53 24.13 24.92
CA ASP B 54 -22.47 23.15 25.21
C ASP B 54 -21.78 22.70 23.92
N GLY B 55 -21.44 23.66 23.06
CA GLY B 55 -20.73 23.37 21.83
C GLY B 55 -21.58 22.84 20.69
N GLU B 56 -22.87 22.66 20.92
CA GLU B 56 -23.78 22.16 19.89
C GLU B 56 -24.50 23.33 19.22
N MET B 57 -24.48 23.33 17.88
CA MET B 57 -25.11 24.38 17.09
C MET B 57 -26.63 24.24 17.10
N ILE B 58 -27.30 25.25 17.65
CA ILE B 58 -28.75 25.30 17.70
C ILE B 58 -29.25 26.15 16.53
N GLU B 59 -28.58 27.28 16.32
CA GLU B 59 -28.93 28.16 15.21
C GLU B 59 -27.69 28.90 14.72
N GLY B 60 -27.10 28.41 13.64
CA GLY B 60 -25.93 29.03 13.05
C GLY B 60 -26.30 29.78 11.77
N LYS B 61 -25.75 30.98 11.61
CA LYS B 61 -25.96 31.79 10.40
C LYS B 61 -24.62 31.98 9.68
N LEU B 62 -24.62 31.87 8.35
CA LEU B 62 -23.39 32.01 7.58
C LEU B 62 -22.75 33.37 7.86
N ALA B 63 -21.44 33.36 8.12
CA ALA B 63 -20.72 34.58 8.46
C ALA B 63 -19.27 34.51 8.03
N THR B 64 -18.57 35.63 8.13
CA THR B 64 -17.16 35.71 7.82
C THR B 64 -16.45 36.39 8.99
N LEU B 65 -15.29 35.84 9.34
CA LEU B 65 -14.45 36.39 10.39
C LEU B 65 -13.69 37.55 9.76
N MET B 66 -13.98 38.77 10.20
CA MET B 66 -13.40 39.97 9.60
C MET B 66 -12.06 40.34 10.22
N SER B 67 -11.94 40.16 11.53
CA SER B 67 -10.76 40.55 12.28
C SER B 67 -10.83 39.97 13.69
N THR B 68 -9.76 40.16 14.46
CA THR B 68 -9.68 39.67 15.83
C THR B 68 -8.99 40.70 16.70
N GLU B 69 -9.44 40.83 17.94
CA GLU B 69 -8.88 41.79 18.88
C GLU B 69 -8.61 41.15 20.21
N GLU B 70 -7.34 40.96 20.54
CA GLU B 70 -6.95 40.32 21.79
C GLU B 70 -7.71 39.00 21.96
N GLY B 71 -7.81 38.25 20.87
CA GLY B 71 -8.50 36.97 20.89
C GLY B 71 -9.99 37.08 20.58
N ARG B 72 -10.54 38.28 20.67
CA ARG B 72 -11.98 38.49 20.46
C ARG B 72 -12.30 38.75 18.99
N PRO B 73 -12.88 37.74 18.34
CA PRO B 73 -13.31 37.79 16.95
C PRO B 73 -14.48 38.72 16.68
N HIS B 74 -14.59 39.14 15.42
CA HIS B 74 -15.67 39.97 14.95
C HIS B 74 -16.17 39.40 13.65
N PHE B 75 -17.39 38.88 13.65
CA PHE B 75 -17.98 38.27 12.47
C PHE B 75 -18.97 39.20 11.81
N GLU B 76 -19.10 39.04 10.50
CA GLU B 76 -20.09 39.74 9.70
C GLU B 76 -20.95 38.70 8.99
N LEU B 77 -22.25 38.76 9.24
CA LEU B 77 -23.20 37.83 8.64
C LEU B 77 -23.35 38.01 7.13
N MET B 78 -23.42 36.90 6.43
CA MET B 78 -23.67 36.92 4.99
C MET B 78 -25.17 37.11 4.78
N PRO B 79 -25.56 37.73 3.68
CA PRO B 79 -26.97 37.96 3.40
C PRO B 79 -27.75 36.67 3.34
N GLY B 80 -29.08 36.75 3.41
CA GLY B 80 -29.91 35.56 3.36
C GLY B 80 -30.51 35.16 4.70
N ASN B 81 -31.50 34.28 4.63
CA ASN B 81 -32.25 33.84 5.80
C ASN B 81 -31.96 32.40 6.18
N SER B 82 -30.98 31.80 5.54
CA SER B 82 -30.63 30.41 5.82
C SER B 82 -30.03 30.23 7.22
N VAL B 83 -30.39 29.13 7.87
CA VAL B 83 -29.83 28.81 9.18
C VAL B 83 -29.40 27.36 9.15
N TYR B 84 -28.48 26.99 10.05
CA TYR B 84 -27.97 25.63 10.13
C TYR B 84 -28.00 25.16 11.58
N HIS B 85 -28.25 23.88 11.79
CA HIS B 85 -28.25 23.33 13.14
C HIS B 85 -27.66 21.93 13.15
N PHE B 86 -27.25 21.49 14.33
CA PHE B 86 -26.75 20.14 14.53
C PHE B 86 -27.88 19.21 14.09
N ASP B 87 -27.58 18.31 13.16
CA ASP B 87 -28.60 17.48 12.55
C ASP B 87 -27.98 16.15 12.14
N LYS B 88 -27.48 15.42 13.13
CA LYS B 88 -26.85 14.14 12.89
C LYS B 88 -27.81 13.18 12.17
N SER B 89 -27.29 12.46 11.19
CA SER B 89 -28.11 11.51 10.46
C SER B 89 -28.44 10.28 11.34
N THR B 90 -29.45 9.52 10.92
CA THR B 90 -29.80 8.26 11.55
C THR B 90 -29.56 7.17 10.50
N SER B 91 -30.02 5.94 10.77
CA SER B 91 -29.86 4.89 9.78
C SER B 91 -30.77 5.10 8.56
N SER B 92 -31.82 5.91 8.71
CA SER B 92 -32.81 6.11 7.65
C SER B 92 -32.97 7.57 7.21
N CYS B 93 -32.54 8.51 8.05
CA CYS B 93 -32.65 9.92 7.72
C CYS B 93 -31.27 10.52 7.49
N ILE B 94 -30.98 10.87 6.23
CA ILE B 94 -29.69 11.43 5.88
C ILE B 94 -29.54 12.88 6.35
N SER B 95 -30.66 13.60 6.40
CA SER B 95 -30.66 14.99 6.80
C SER B 95 -32.08 15.52 6.91
N THR B 96 -32.31 16.52 7.77
CA THR B 96 -33.62 17.15 7.86
C THR B 96 -33.79 18.15 6.72
N ASN B 97 -32.66 18.67 6.22
CA ASN B 97 -32.67 19.62 5.13
C ASN B 97 -31.78 19.10 4.00
N ALA B 98 -32.20 18.00 3.38
CA ALA B 98 -31.43 17.34 2.33
C ALA B 98 -31.02 18.28 1.18
N LEU B 99 -31.85 19.28 0.88
CA LEU B 99 -31.59 20.16 -0.25
C LEU B 99 -30.87 21.46 0.10
N LEU B 100 -30.50 21.61 1.38
CA LEU B 100 -29.76 22.77 1.86
C LEU B 100 -28.27 22.47 1.84
N PRO B 101 -27.55 23.06 0.89
CA PRO B 101 -26.11 22.79 0.76
C PRO B 101 -25.27 23.35 1.90
N ASP B 102 -24.05 22.84 1.99
CA ASP B 102 -23.07 23.36 2.90
C ASP B 102 -22.36 24.55 2.21
N PRO B 103 -22.27 25.68 2.90
CA PRO B 103 -21.73 26.91 2.32
C PRO B 103 -20.23 26.89 2.06
N TYR B 104 -19.47 26.16 2.90
CA TYR B 104 -18.03 26.00 2.71
C TYR B 104 -17.79 25.19 1.43
N GLU B 105 -18.63 24.17 1.22
CA GLU B 105 -18.57 23.35 0.02
C GLU B 105 -18.98 24.18 -1.20
N SER B 106 -19.99 25.02 -1.02
CA SER B 106 -20.51 25.85 -2.12
C SER B 106 -19.45 26.74 -2.75
N GLU B 107 -18.41 27.11 -1.99
CA GLU B 107 -17.35 27.95 -2.52
C GLU B 107 -16.17 27.16 -3.06
N ARG B 108 -16.11 25.85 -2.76
CA ARG B 108 -14.92 25.06 -3.12
C ARG B 108 -15.13 23.93 -4.12
N VAL B 109 -16.33 23.38 -4.23
CA VAL B 109 -16.56 22.25 -5.13
C VAL B 109 -17.86 22.36 -5.92
N TYR B 110 -17.91 21.67 -7.06
CA TYR B 110 -19.13 21.56 -7.85
C TYR B 110 -19.20 20.15 -8.43
N VAL B 111 -20.40 19.77 -8.88
CA VAL B 111 -20.62 18.45 -9.46
C VAL B 111 -20.81 18.63 -10.97
N ALA B 112 -20.13 17.79 -11.74
CA ALA B 112 -20.22 17.82 -13.20
C ALA B 112 -19.88 16.44 -13.72
N GLU B 113 -19.95 16.28 -15.04
CA GLU B 113 -19.60 15.01 -15.66
C GLU B 113 -18.13 14.72 -15.39
N SER B 114 -17.84 13.51 -14.91
CA SER B 114 -16.47 13.11 -14.63
C SER B 114 -15.63 13.11 -15.91
N LEU B 115 -14.32 13.32 -15.74
CA LEU B 115 -13.38 13.25 -16.84
C LEU B 115 -12.93 11.82 -17.03
N ILE B 116 -13.24 10.98 -16.03
CA ILE B 116 -12.90 9.57 -16.09
C ILE B 116 -13.94 8.90 -17.00
N SER B 117 -13.47 8.20 -18.01
CA SER B 117 -14.35 7.56 -19.00
C SER B 117 -15.46 6.72 -18.37
N SER B 118 -16.71 7.08 -18.69
CA SER B 118 -17.90 6.33 -18.25
C SER B 118 -18.10 6.25 -16.73
N ALA B 119 -17.46 7.15 -15.99
CA ALA B 119 -17.51 7.17 -14.54
C ALA B 119 -18.71 7.91 -13.95
N GLY B 120 -19.58 8.45 -14.77
CA GLY B 120 -20.76 9.14 -14.28
C GLY B 120 -20.45 10.59 -13.93
N GLU B 121 -21.03 11.09 -12.85
CA GLU B 121 -20.70 12.42 -12.38
C GLU B 121 -19.45 12.35 -11.53
N GLY B 122 -18.87 13.51 -11.28
CA GLY B 122 -17.67 13.63 -10.47
C GLY B 122 -17.70 14.96 -9.71
N LEU B 123 -16.70 15.16 -8.86
CA LEU B 123 -16.60 16.31 -8.00
C LEU B 123 -15.38 17.10 -8.47
N PHE B 124 -15.58 18.40 -8.65
CA PHE B 124 -14.54 19.28 -9.21
C PHE B 124 -14.29 20.46 -8.26
N SER B 125 -13.05 20.96 -8.25
CA SER B 125 -12.70 22.13 -7.45
C SER B 125 -13.09 23.43 -8.16
N LYS B 126 -13.68 24.35 -7.42
CA LYS B 126 -14.05 25.66 -7.98
C LYS B 126 -12.86 26.60 -8.04
N VAL B 127 -11.89 26.38 -7.15
CA VAL B 127 -10.76 27.28 -7.03
C VAL B 127 -9.44 26.53 -6.85
N ALA B 128 -8.33 27.24 -7.00
CA ALA B 128 -7.01 26.66 -6.78
C ALA B 128 -6.76 26.59 -5.27
N VAL B 129 -6.29 25.44 -4.80
CA VAL B 129 -5.99 25.27 -3.38
C VAL B 129 -4.66 24.56 -3.24
N GLY B 130 -4.03 24.70 -2.08
CA GLY B 130 -2.78 24.03 -1.81
C GLY B 130 -3.08 22.65 -1.22
N PRO B 131 -2.04 21.92 -0.86
CA PRO B 131 -2.18 20.62 -0.21
C PRO B 131 -2.76 20.73 1.19
N ASN B 132 -3.30 19.63 1.72
CA ASN B 132 -3.86 19.58 3.08
C ASN B 132 -5.15 20.41 3.21
N THR B 133 -5.84 20.67 2.10
CA THR B 133 -7.06 21.49 2.15
C THR B 133 -8.35 20.67 2.16
N VAL B 134 -9.17 20.88 3.17
CA VAL B 134 -10.50 20.29 3.23
C VAL B 134 -11.34 20.90 2.10
N MET B 135 -12.00 20.07 1.30
CA MET B 135 -12.77 20.52 0.15
C MET B 135 -14.23 20.15 0.22
N SER B 136 -14.52 18.96 0.75
CA SER B 136 -15.88 18.46 0.72
C SER B 136 -16.11 17.53 1.91
N PHE B 137 -17.38 17.34 2.24
CA PHE B 137 -17.80 16.55 3.39
C PHE B 137 -18.51 15.30 2.94
N TYR B 138 -18.22 14.21 3.62
CA TYR B 138 -18.85 12.94 3.31
C TYR B 138 -19.83 12.61 4.43
N ASN B 139 -21.01 13.19 4.35
CA ASN B 139 -22.08 12.85 5.27
C ASN B 139 -22.91 11.74 4.64
N GLY B 140 -23.70 11.03 5.44
CA GLY B 140 -24.52 9.97 4.90
C GLY B 140 -25.31 9.38 6.04
N VAL B 141 -26.22 8.44 5.75
CA VAL B 141 -26.94 7.75 6.80
C VAL B 141 -25.90 6.93 7.55
N ARG B 142 -26.17 6.63 8.82
CA ARG B 142 -25.25 5.86 9.65
C ARG B 142 -25.79 4.46 9.86
N ILE B 143 -25.12 3.48 9.27
CA ILE B 143 -25.51 2.07 9.36
C ILE B 143 -24.31 1.28 9.87
N THR B 144 -24.50 0.03 10.25
CA THR B 144 -23.38 -0.72 10.80
C THR B 144 -22.58 -1.48 9.74
N HIS B 145 -21.32 -1.77 10.05
CA HIS B 145 -20.49 -2.59 9.19
C HIS B 145 -21.17 -3.96 9.04
N GLN B 146 -21.77 -4.46 10.13
CA GLN B 146 -22.46 -5.76 10.14
C GLN B 146 -23.53 -5.83 9.04
N GLU B 147 -24.31 -4.77 8.92
CA GLU B 147 -25.38 -4.69 7.94
C GLU B 147 -24.84 -4.61 6.51
N VAL B 148 -23.82 -3.78 6.31
CA VAL B 148 -23.22 -3.55 5.00
C VAL B 148 -22.43 -4.74 4.46
N ASP B 149 -21.78 -5.46 5.35
CA ASP B 149 -20.97 -6.61 4.96
C ASP B 149 -21.86 -7.81 4.57
N SER B 150 -23.11 -7.86 5.09
CA SER B 150 -24.04 -8.96 4.76
C SER B 150 -25.03 -8.63 3.59
N ARG B 151 -24.62 -7.76 2.64
CA ARG B 151 -25.39 -7.33 1.43
C ARG B 151 -24.50 -7.14 0.11
N ASP B 152 -25.13 -6.98 -1.07
CA ASP B 152 -24.49 -6.87 -2.43
C ASP B 152 -23.85 -5.53 -2.87
N TRP B 153 -22.89 -5.57 -3.81
CA TRP B 153 -22.17 -4.34 -4.28
C TRP B 153 -23.08 -3.39 -4.96
N ALA B 154 -24.16 -3.91 -5.51
CA ALA B 154 -25.11 -3.04 -6.16
C ALA B 154 -25.57 -2.08 -5.07
N LEU B 155 -25.48 -2.50 -3.81
CA LEU B 155 -25.93 -1.66 -2.69
C LEU B 155 -24.80 -0.88 -1.99
N ASN B 156 -23.55 -1.29 -2.20
CA ASN B 156 -22.42 -0.70 -1.48
C ASN B 156 -21.55 0.28 -2.28
N GLY B 157 -22.13 0.93 -3.27
CA GLY B 157 -21.37 1.87 -4.08
C GLY B 157 -20.89 3.11 -3.33
N ASN B 158 -21.65 3.54 -2.33
CA ASN B 158 -21.32 4.76 -1.59
C ASN B 158 -21.03 4.57 -0.11
N THR B 159 -20.78 3.34 0.30
CA THR B 159 -20.49 3.05 1.69
C THR B 159 -19.04 3.38 2.02
N LEU B 160 -18.85 4.11 3.12
CA LEU B 160 -17.54 4.53 3.59
C LEU B 160 -17.42 4.22 5.07
N SER B 161 -16.33 3.56 5.46
CA SER B 161 -16.11 3.28 6.88
C SER B 161 -15.92 4.57 7.67
N LEU B 162 -16.65 4.71 8.78
CA LEU B 162 -16.50 5.86 9.68
C LEU B 162 -15.58 5.46 10.84
N ASP B 163 -15.97 4.38 11.52
CA ASP B 163 -15.18 3.79 12.62
C ASP B 163 -15.35 2.27 12.55
N GLU B 164 -14.96 1.58 13.62
CA GLU B 164 -15.04 0.13 13.64
C GLU B 164 -16.46 -0.40 13.52
N GLU B 165 -17.40 0.31 14.11
CA GLU B 165 -18.80 -0.13 14.18
C GLU B 165 -19.67 0.35 13.03
N THR B 166 -19.44 1.59 12.58
CA THR B 166 -20.34 2.29 11.66
C THR B 166 -19.80 2.63 10.28
N VAL B 167 -20.73 2.62 9.33
CA VAL B 167 -20.47 3.00 7.95
C VAL B 167 -21.33 4.21 7.62
N ILE B 168 -20.80 5.13 6.80
CA ILE B 168 -21.56 6.24 6.27
C ILE B 168 -21.96 5.84 4.86
N ASP B 169 -23.23 5.98 4.51
CA ASP B 169 -23.70 5.59 3.18
C ASP B 169 -24.57 6.68 2.57
N VAL B 170 -24.55 6.77 1.25
CA VAL B 170 -25.43 7.68 0.53
C VAL B 170 -26.22 6.83 -0.45
N PRO B 171 -27.25 6.18 0.06
CA PRO B 171 -28.07 5.28 -0.73
C PRO B 171 -29.01 6.02 -1.66
N GLU B 172 -29.66 5.25 -2.51
CA GLU B 172 -30.65 5.78 -3.43
C GLU B 172 -31.76 6.34 -2.59
N PRO B 173 -32.37 7.48 -2.87
CA PRO B 173 -32.22 8.48 -3.94
C PRO B 173 -31.16 9.55 -3.74
N TYR B 174 -30.57 9.52 -2.57
CA TYR B 174 -29.65 10.56 -2.14
C TYR B 174 -28.34 10.67 -2.91
N ASN B 175 -28.07 9.71 -3.79
CA ASN B 175 -26.86 9.74 -4.59
C ASN B 175 -27.08 10.62 -5.82
N HIS B 176 -28.23 11.30 -5.86
CA HIS B 176 -28.57 12.26 -6.92
C HIS B 176 -28.75 13.63 -6.28
N VAL B 177 -28.08 14.64 -6.84
CA VAL B 177 -28.09 15.99 -6.27
C VAL B 177 -29.48 16.62 -6.21
N SER B 178 -30.40 16.13 -7.03
CA SER B 178 -31.77 16.61 -7.02
C SER B 178 -32.53 16.19 -5.77
N LYS B 179 -32.00 15.19 -5.05
CA LYS B 179 -32.62 14.72 -3.81
C LYS B 179 -31.75 14.95 -2.58
N TYR B 180 -30.46 15.19 -2.80
CA TYR B 180 -29.55 15.41 -1.67
C TYR B 180 -28.31 16.17 -2.12
N CYS B 181 -28.06 17.32 -1.50
CA CYS B 181 -26.89 18.12 -1.81
C CYS B 181 -26.32 18.81 -0.57
N ALA B 182 -26.71 18.34 0.61
CA ALA B 182 -26.22 18.89 1.87
C ALA B 182 -24.71 18.70 1.97
N SER B 183 -24.21 17.58 1.47
CA SER B 183 -22.78 17.30 1.40
C SER B 183 -22.54 16.61 0.07
N LEU B 184 -21.32 16.64 -0.43
CA LEU B 184 -21.02 16.16 -1.79
C LEU B 184 -19.83 15.20 -1.88
N GLY B 185 -19.28 14.77 -0.76
CA GLY B 185 -18.11 13.93 -0.77
C GLY B 185 -18.27 12.64 -1.55
N HIS B 186 -19.48 12.09 -1.55
CA HIS B 186 -19.78 10.84 -2.24
C HIS B 186 -19.71 10.96 -3.77
N LYS B 187 -19.56 12.18 -4.28
CA LYS B 187 -19.49 12.40 -5.74
C LYS B 187 -18.04 12.28 -6.25
N ALA B 188 -17.06 12.22 -5.35
CA ALA B 188 -15.67 12.10 -5.78
C ALA B 188 -15.37 10.67 -6.23
N ASN B 189 -14.92 10.55 -7.49
CA ASN B 189 -14.60 9.28 -8.11
C ASN B 189 -13.25 8.74 -7.65
N HIS B 190 -13.01 7.48 -7.96
CA HIS B 190 -11.79 6.84 -7.54
C HIS B 190 -10.62 7.02 -8.49
N SER B 191 -9.44 7.19 -7.92
CA SER B 191 -8.21 7.14 -8.69
C SER B 191 -7.12 6.39 -7.89
N PHE B 192 -6.26 5.66 -8.59
CA PHE B 192 -5.10 5.04 -7.97
C PHE B 192 -3.95 6.05 -7.85
N THR B 193 -4.14 7.22 -8.44
CA THR B 193 -3.19 8.33 -8.29
C THR B 193 -4.05 9.57 -7.95
N PRO B 194 -4.64 9.51 -6.76
CA PRO B 194 -5.61 10.52 -6.34
C PRO B 194 -4.94 11.81 -5.92
N ASN B 195 -5.72 12.88 -5.92
CA ASN B 195 -5.28 14.18 -5.46
C ASN B 195 -5.84 14.53 -4.09
N CYS B 196 -6.65 13.62 -3.54
CA CYS B 196 -7.27 13.80 -2.22
C CYS B 196 -7.27 12.50 -1.41
N ILE B 197 -7.56 12.64 -0.12
CA ILE B 197 -7.74 11.51 0.76
C ILE B 197 -9.03 11.70 1.54
N TYR B 198 -9.51 10.60 2.12
CA TYR B 198 -10.62 10.66 3.02
C TYR B 198 -9.97 10.91 4.37
N ASP B 199 -10.52 11.84 5.14
CA ASP B 199 -9.95 12.16 6.45
C ASP B 199 -11.06 12.37 7.47
N MET B 200 -10.68 12.38 8.75
CA MET B 200 -11.61 12.60 9.84
C MET B 200 -12.09 14.02 9.79
N PHE B 201 -13.34 14.25 10.21
CA PHE B 201 -13.87 15.61 10.31
C PHE B 201 -15.00 15.70 11.31
N VAL B 202 -15.05 16.80 12.05
CA VAL B 202 -16.09 17.05 13.01
C VAL B 202 -16.86 18.27 12.49
N HIS B 203 -18.07 18.04 12.02
CA HIS B 203 -18.90 19.06 11.40
C HIS B 203 -20.00 19.51 12.38
N PRO B 204 -20.29 20.82 12.48
CA PRO B 204 -21.30 21.29 13.43
C PRO B 204 -22.72 20.90 13.07
N ARG B 205 -22.95 20.56 11.81
CA ARG B 205 -24.27 20.12 11.36
C ARG B 205 -24.34 18.59 11.30
N PHE B 206 -23.37 17.97 10.64
CA PHE B 206 -23.36 16.52 10.42
C PHE B 206 -22.78 15.70 11.57
N GLY B 207 -22.00 16.33 12.44
CA GLY B 207 -21.35 15.61 13.53
C GLY B 207 -20.06 14.98 13.05
N PRO B 208 -19.55 13.98 13.77
CA PRO B 208 -18.34 13.26 13.32
C PRO B 208 -18.57 12.46 12.05
N ILE B 209 -17.95 12.93 10.97
CA ILE B 209 -18.05 12.29 9.67
C ILE B 209 -16.64 12.16 9.09
N LYS B 210 -16.55 12.08 7.77
CA LYS B 210 -15.27 12.08 7.07
C LYS B 210 -15.33 13.24 6.07
N CYS B 211 -14.17 13.70 5.61
CA CYS B 211 -14.14 14.78 4.62
C CYS B 211 -13.21 14.37 3.49
N ILE B 212 -13.17 15.20 2.45
CA ILE B 212 -12.23 15.04 1.34
C ILE B 212 -11.18 16.12 1.55
N ARG B 213 -9.91 15.74 1.67
CA ARG B 213 -8.81 16.68 1.88
C ARG B 213 -7.76 16.49 0.78
N THR B 214 -7.31 17.58 0.13
CA THR B 214 -6.30 17.39 -0.92
C THR B 214 -4.96 16.85 -0.37
N LEU B 215 -4.26 16.07 -1.20
CA LEU B 215 -2.93 15.53 -0.89
C LEU B 215 -1.84 16.41 -1.46
N ARG B 216 -2.24 17.25 -2.40
CA ARG B 216 -1.30 18.09 -3.10
C ARG B 216 -2.10 19.27 -3.61
N ALA B 217 -1.42 20.22 -4.24
CA ALA B 217 -2.10 21.39 -4.79
C ALA B 217 -3.04 20.90 -5.88
N VAL B 218 -4.18 21.57 -6.00
CA VAL B 218 -5.18 21.27 -7.01
C VAL B 218 -5.56 22.60 -7.68
N GLU B 219 -5.70 22.59 -9.00
CA GLU B 219 -6.09 23.80 -9.72
C GLU B 219 -7.61 23.96 -9.87
N ALA B 220 -8.04 25.17 -10.18
CA ALA B 220 -9.44 25.44 -10.43
C ALA B 220 -9.92 24.49 -11.54
N ASP B 221 -11.08 23.87 -11.31
CA ASP B 221 -11.74 22.99 -12.26
C ASP B 221 -11.06 21.64 -12.46
N GLU B 222 -10.19 21.27 -11.53
CA GLU B 222 -9.58 19.95 -11.53
C GLU B 222 -10.55 18.99 -10.84
N GLU B 223 -10.70 17.79 -11.40
CA GLU B 223 -11.58 16.80 -10.79
C GLU B 223 -10.87 16.29 -9.53
N LEU B 224 -11.63 16.18 -8.45
CA LEU B 224 -11.12 15.66 -7.18
C LEU B 224 -11.34 14.16 -7.16
N THR B 225 -10.27 13.42 -6.85
CA THR B 225 -10.35 11.97 -6.80
C THR B 225 -9.73 11.46 -5.51
N VAL B 226 -10.17 10.29 -5.09
CA VAL B 226 -9.67 9.70 -3.85
C VAL B 226 -9.49 8.22 -4.09
N ALA B 227 -8.52 7.61 -3.42
CA ALA B 227 -8.35 6.16 -3.48
C ALA B 227 -9.42 5.54 -2.60
N TYR B 228 -10.29 4.72 -3.17
CA TYR B 228 -11.39 4.11 -2.44
C TYR B 228 -10.87 3.12 -1.37
N GLY B 229 -9.69 2.54 -1.62
CA GLY B 229 -9.02 1.71 -0.64
C GLY B 229 -9.62 0.34 -0.43
N TYR B 230 -10.15 -0.25 -1.48
CA TYR B 230 -10.70 -1.60 -1.38
C TYR B 230 -9.59 -2.66 -1.25
N ASP B 231 -9.91 -3.73 -0.54
CA ASP B 231 -9.00 -4.85 -0.43
C ASP B 231 -8.79 -5.39 -1.84
N HIS B 232 -7.58 -5.81 -2.16
CA HIS B 232 -7.28 -6.33 -3.48
C HIS B 232 -7.21 -7.85 -3.51
N SER B 233 -7.96 -8.52 -2.63
CA SER B 233 -7.96 -9.99 -2.52
C SER B 233 -9.17 -10.66 -3.22
N PRO B 234 -8.95 -11.89 -3.67
CA PRO B 234 -9.90 -12.68 -4.48
C PRO B 234 -11.28 -13.09 -3.95
N PRO B 235 -11.60 -14.37 -3.91
CA PRO B 235 -12.98 -14.78 -3.67
C PRO B 235 -13.36 -14.44 -2.27
N GLY B 236 -13.11 -15.44 -1.45
CA GLY B 236 -13.40 -15.39 -0.05
C GLY B 236 -14.30 -16.55 0.27
N LYS B 237 -15.53 -16.16 0.56
CA LYS B 237 -16.64 -17.04 0.86
C LYS B 237 -17.74 -16.01 1.12
N SER B 238 -17.50 -14.79 0.65
CA SER B 238 -18.37 -13.66 0.98
C SER B 238 -18.67 -12.76 -0.20
N GLY B 239 -18.11 -13.09 -1.36
CA GLY B 239 -18.33 -12.27 -2.53
C GLY B 239 -17.08 -11.46 -2.81
N PRO B 240 -17.15 -10.60 -3.80
CA PRO B 240 -16.01 -9.78 -4.19
C PRO B 240 -15.61 -8.84 -3.07
N GLU B 241 -14.31 -8.55 -2.99
CA GLU B 241 -13.80 -7.61 -2.01
C GLU B 241 -13.74 -6.23 -2.66
N ALA B 242 -14.09 -6.15 -3.94
CA ALA B 242 -14.11 -4.88 -4.68
C ALA B 242 -15.04 -4.96 -5.89
N PRO B 243 -15.65 -3.83 -6.24
CA PRO B 243 -16.52 -3.74 -7.41
C PRO B 243 -15.78 -4.07 -8.69
N GLU B 244 -16.47 -4.65 -9.67
CA GLU B 244 -15.83 -5.07 -10.92
C GLU B 244 -15.10 -3.94 -11.65
N TRP B 245 -15.70 -2.75 -11.73
CA TRP B 245 -15.07 -1.64 -12.43
C TRP B 245 -13.71 -1.29 -11.82
N TYR B 246 -13.61 -1.46 -10.50
CA TYR B 246 -12.40 -1.18 -9.73
C TYR B 246 -11.33 -2.22 -10.08
N GLN B 247 -11.75 -3.48 -10.21
CA GLN B 247 -10.82 -4.55 -10.57
C GLN B 247 -10.26 -4.31 -11.97
N VAL B 248 -11.15 -3.93 -12.88
CA VAL B 248 -10.81 -3.65 -14.26
C VAL B 248 -9.83 -2.46 -14.30
N GLU B 249 -10.11 -1.43 -13.51
CA GLU B 249 -9.25 -0.25 -13.45
C GLU B 249 -7.89 -0.59 -12.82
N LEU B 250 -7.92 -1.47 -11.83
CA LEU B 250 -6.69 -1.90 -11.16
C LEU B 250 -5.76 -2.56 -12.18
N LYS B 251 -6.33 -3.41 -13.03
CA LYS B 251 -5.58 -4.08 -14.10
C LYS B 251 -4.98 -3.07 -15.07
N ALA B 252 -5.78 -2.11 -15.52
CA ALA B 252 -5.32 -1.08 -16.45
C ALA B 252 -4.24 -0.23 -15.78
N PHE B 253 -4.44 0.10 -14.51
CA PHE B 253 -3.49 0.91 -13.75
C PHE B 253 -2.13 0.23 -13.66
N GLN B 254 -2.13 -1.04 -13.23
CA GLN B 254 -0.89 -1.78 -13.06
C GLN B 254 -0.11 -1.95 -14.36
N ALA B 255 -0.83 -2.01 -15.46
CA ALA B 255 -0.22 -2.19 -16.77
C ALA B 255 0.70 -1.02 -17.13
N THR B 256 0.46 0.12 -16.50
CA THR B 256 1.22 1.35 -16.74
C THR B 256 2.18 1.64 -15.61
N GLN B 257 2.13 0.84 -14.55
CA GLN B 257 2.96 1.08 -13.37
C GLN B 257 4.34 0.45 -13.47
N GLN B 258 5.31 1.12 -12.86
CA GLN B 258 6.64 0.56 -12.75
C GLN B 258 6.58 -0.45 -11.63
N LYS B 259 6.53 -1.72 -12.00
CA LYS B 259 6.44 -2.81 -11.04
C LYS B 259 7.85 -3.34 -10.77
N ALA C 1 -3.49 -18.63 -5.94
CA ALA C 1 -2.77 -17.92 -7.03
C ALA C 1 -1.80 -18.85 -7.76
N ARG C 2 -1.66 -18.65 -9.07
CA ARG C 2 -0.71 -19.40 -9.87
C ARG C 2 0.77 -19.12 -9.64
N THR C 3 1.18 -19.15 -8.37
CA THR C 3 2.57 -18.95 -8.02
C THR C 3 2.85 -19.66 -6.69
N MLZ C 4 4.32 -19.54 -6.69
CA MLZ C 4 4.70 -20.19 -5.44
CB MLZ C 4 6.20 -20.33 -5.51
CG MLZ C 4 6.61 -21.10 -6.75
CD MLZ C 4 8.11 -20.99 -6.94
CE MLZ C 4 8.51 -21.80 -8.16
NZ MLZ C 4 9.93 -21.65 -8.45
CM MLZ C 4 10.50 -22.34 -9.60
C MLZ C 4 4.30 -19.34 -4.26
O MLZ C 4 4.42 -18.15 -4.25
N GLN C 5 4.36 -20.19 -3.00
CA GLN C 5 4.08 -19.42 -1.75
C GLN C 5 2.92 -18.46 -1.85
N THR C 6 1.94 -18.77 -2.70
CA THR C 6 0.69 -18.04 -2.73
C THR C 6 -0.02 -17.89 -1.39
N ALA C 7 -0.47 -16.65 -1.15
CA ALA C 7 -1.20 -16.24 0.04
C ALA C 7 -2.47 -17.05 0.19
N ARG C 8 -2.76 -17.42 1.43
CA ARG C 8 -3.94 -18.20 1.72
C ARG C 8 -5.16 -17.31 1.90
N LYS C 9 -6.34 -17.88 1.69
CA LYS C 9 -7.59 -17.17 1.85
C LYS C 9 -8.29 -17.65 3.12
N TYR C 10 -8.80 -16.73 3.92
CA TYR C 10 -9.46 -17.08 5.17
C TYR C 10 -10.88 -16.53 5.22
N ALA D 1 -13.46 -5.79 4.00
CA ALA D 1 -14.55 -4.82 4.16
C ALA D 1 -15.01 -4.29 2.79
N ARG D 2 -16.09 -4.87 2.25
CA ARG D 2 -16.88 -4.32 1.15
C ARG D 2 -17.24 -2.81 1.14
N THR D 3 -16.46 -1.95 1.83
CA THR D 3 -16.65 -0.49 1.72
C THR D 3 -15.34 0.28 1.57
N MLZ D 4 -15.42 1.86 1.43
CA MLZ D 4 -14.11 2.50 1.41
CB MLZ D 4 -14.34 3.86 0.81
CG MLZ D 4 -15.12 3.81 -0.51
CD MLZ D 4 -15.88 5.11 -0.68
CE MLZ D 4 -16.49 5.17 -2.07
NZ MLZ D 4 -16.99 6.52 -2.27
CM MLZ D 4 -17.67 6.84 -3.52
C MLZ D 4 -13.57 2.63 2.81
O MLZ D 4 -14.31 2.87 3.74
N GLN D 5 -11.87 2.95 2.47
CA GLN D 5 -11.29 2.93 3.84
C GLN D 5 -10.07 3.82 3.89
N THR D 6 -9.99 4.61 4.96
CA THR D 6 -8.81 5.35 5.35
C THR D 6 -7.75 4.50 6.04
N SAH E . 13.98 -28.03 -13.65
CA SAH E . 13.77 -26.59 -13.82
CB SAH E . 14.13 -25.72 -12.61
CG SAH E . 13.05 -25.27 -11.64
SD SAH E . 11.78 -24.15 -12.33
C SAH E . 14.63 -26.09 -14.98
O SAH E . 15.52 -26.76 -15.48
C5' SAH E . 10.33 -25.16 -12.05
C4' SAH E . 10.20 -26.26 -13.10
O4' SAH E . 11.07 -27.36 -12.74
C3' SAH E . 8.80 -26.83 -13.27
O3' SAH E . 8.07 -26.25 -14.34
C2' SAH E . 9.07 -28.30 -13.58
O2' SAH E . 9.15 -28.54 -14.97
C1' SAH E . 10.40 -28.59 -12.92
N9 SAH E . 10.27 -29.25 -11.58
C8 SAH E . 10.58 -28.69 -10.37
N7 SAH E . 10.37 -29.62 -9.40
C5 SAH E . 9.94 -30.76 -9.99
C6 SAH E . 9.58 -32.01 -9.47
N6 SAH E . 9.62 -32.25 -8.15
N1 SAH E . 9.18 -32.99 -10.34
C2 SAH E . 9.14 -32.76 -11.69
N3 SAH E . 9.49 -31.52 -12.21
C4 SAH E . 9.88 -30.54 -11.35
N SAH F . -19.72 8.63 -10.20
CA SAH F . -20.59 8.73 -9.03
CB SAH F . -19.84 9.41 -7.92
CG SAH F . -18.86 8.46 -7.22
SD SAH F . -19.86 7.28 -6.26
C SAH F . -21.91 9.46 -9.33
O SAH F . -22.15 9.70 -10.53
C5' SAH F . -18.93 5.79 -6.75
C4' SAH F . -19.45 5.21 -8.07
O4' SAH F . -18.87 6.00 -9.12
C3' SAH F . -19.12 3.75 -8.38
O3' SAH F . -20.20 2.89 -8.08
C2' SAH F . -18.82 3.77 -9.86
O2' SAH F . -19.95 3.56 -10.66
C1' SAH F . -18.34 5.19 -10.13
N9 SAH F . -16.87 5.32 -10.18
C8 SAH F . -16.09 5.94 -9.25
N7 SAH F . -14.82 5.89 -9.68
C5 SAH F . -14.79 5.26 -10.86
C6 SAH F . -13.74 4.95 -11.71
N6 SAH F . -12.49 5.28 -11.44
N1 SAH F . -13.99 4.28 -12.87
C2 SAH F . -15.27 3.93 -13.21
N3 SAH F . -16.31 4.23 -12.36
C4 SAH F . -16.07 4.90 -11.20
#